data_9ORN
#
_entry.id   9ORN
#
_cell.length_a   53.349
_cell.length_b   53.487
_cell.length_c   101.494
_cell.angle_alpha   90.000
_cell.angle_beta   99.894
_cell.angle_gamma   90.000
#
_symmetry.space_group_name_H-M   'P 1 21 1'
#
loop_
_entity.id
_entity.type
_entity.pdbx_description
1 polymer 'Putative flavin-binding monooxygenase'
2 non-polymer 'FLAVIN-ADENINE DINUCLEOTIDE'
3 water water
#
_entity_poly.entity_id   1
_entity_poly.type   'polypeptide(L)'
_entity_poly.pdbx_seq_one_letter_code
;MMTQKMDFDAIIIGAGFGGLYSLKKLRDDLNLKVRAFDRATEVGGTWFWNQYPGALSDSETHLYCYSWDKELLQEMEIKR
KYISQPDVLAYLKRVADKHDLRKDIQFETGIRSAYFDEENSFWNVTTENDEKFTARFLITALGPLSAPNLPKIKGIETFK
GELHHTSRWPKDVTFSGKRVGVIGTGWVGVQVITAIASQVKHLTVFQRSAQYSVPIGNVVMSETDVAKIKENYDQIWENV
WNSALGFGLNESTLPTMSVSAEERDKIFEEAWQEGGGFRFMFETFGDIAVDETANIEAQNFIKKKISEIVKDPFVAKKLT
PTDLYACKPLCDSGYYEIFNRDNVSLEDVKANPIVEIKEDCVVTADGVEHKLDMLICATGFDAVDGSYKRIDIRGKDGIS
IKDHWKDGPNSYLGMMVSNFPNMFMVFGPNTPLANSPPIIETQVEWIADLIGYAEDHQINQIEATKDAVDNWTNTCSDIA
NKTLFAKAKCEEFGANVPGKKNTVYLYMGGLKEYRNQISEVSNNNYKGCLLKQLEHHHHHH
;
_entity_poly.pdbx_strand_id   A
#
loop_
_chem_comp.id
_chem_comp.type
_chem_comp.name
_chem_comp.formula
FAD non-polymer 'FLAVIN-ADENINE DINUCLEOTIDE' 'C27 H33 N9 O15 P2'
#
# COMPACT_ATOMS: atom_id res chain seq x y z
N MET A 6 -14.62 29.30 -13.60
CA MET A 6 -14.15 28.17 -12.81
C MET A 6 -15.24 27.10 -12.64
N ASP A 7 -14.93 25.88 -13.06
CA ASP A 7 -15.94 24.83 -13.06
C ASP A 7 -16.22 24.32 -11.64
N PHE A 8 -15.17 24.09 -10.86
CA PHE A 8 -15.29 23.50 -9.54
C PHE A 8 -14.39 24.24 -8.56
N ASP A 9 -14.72 24.11 -7.27
CA ASP A 9 -13.78 24.54 -6.23
C ASP A 9 -12.62 23.57 -6.12
N ALA A 10 -12.88 22.28 -6.29
CA ALA A 10 -11.83 21.28 -6.19
C ALA A 10 -12.08 20.16 -7.17
N ILE A 11 -11.00 19.65 -7.75
CA ILE A 11 -11.02 18.44 -8.55
C ILE A 11 -10.18 17.38 -7.85
N ILE A 12 -10.69 16.16 -7.81
CA ILE A 12 -10.04 15.04 -7.14
C ILE A 12 -9.74 13.99 -8.21
N ILE A 13 -8.51 13.49 -8.20
CA ILE A 13 -8.12 12.34 -9.00
C ILE A 13 -8.03 11.12 -8.10
N GLY A 14 -8.84 10.12 -8.39
CA GLY A 14 -8.80 8.85 -7.66
C GLY A 14 -10.09 8.67 -6.89
N ALA A 15 -10.59 7.42 -6.85
CA ALA A 15 -11.80 7.11 -6.10
C ALA A 15 -11.60 5.91 -5.19
N GLY A 16 -10.39 5.75 -4.66
CA GLY A 16 -10.11 4.80 -3.60
C GLY A 16 -10.39 5.43 -2.25
N PHE A 17 -9.83 4.81 -1.19
CA PHE A 17 -9.97 5.34 0.18
C PHE A 17 -9.71 6.84 0.21
N GLY A 18 -8.61 7.28 -0.40
CA GLY A 18 -8.24 8.68 -0.34
C GLY A 18 -9.20 9.59 -1.09
N GLY A 19 -9.47 9.27 -2.36
CA GLY A 19 -10.35 10.13 -3.15
C GLY A 19 -11.77 10.18 -2.65
N LEU A 20 -12.30 9.06 -2.12
CA LEU A 20 -13.67 9.06 -1.62
C LEU A 20 -13.84 9.97 -0.41
N TYR A 21 -12.92 9.87 0.56
CA TYR A 21 -13.05 10.71 1.75
C TYR A 21 -12.77 12.18 1.40
N SER A 22 -11.84 12.42 0.48
CA SER A 22 -11.60 13.77 -0.04
C SER A 22 -12.89 14.37 -0.58
N LEU A 23 -13.64 13.59 -1.36
CA LEU A 23 -14.89 14.07 -1.92
C LEU A 23 -15.90 14.35 -0.81
N LYS A 24 -16.02 13.43 0.15
CA LYS A 24 -16.99 13.63 1.23
C LYS A 24 -16.68 14.90 2.02
N LYS A 25 -15.40 15.11 2.37
CA LYS A 25 -15.04 16.25 3.21
C LYS A 25 -15.22 17.57 2.47
N LEU A 26 -14.77 17.64 1.21
CA LEU A 26 -14.81 18.91 0.48
C LEU A 26 -16.22 19.26 0.04
N ARG A 27 -17.00 18.26 -0.37
CA ARG A 27 -18.35 18.51 -0.86
C ARG A 27 -19.35 18.70 0.28
N ASP A 28 -19.40 17.75 1.22
CA ASP A 28 -20.47 17.77 2.21
C ASP A 28 -20.13 18.55 3.46
N ASP A 29 -18.85 18.65 3.85
CA ASP A 29 -18.49 19.41 5.04
C ASP A 29 -18.11 20.84 4.72
N LEU A 30 -17.34 21.07 3.64
CA LEU A 30 -16.98 22.42 3.23
C LEU A 30 -17.98 23.04 2.28
N ASN A 31 -18.99 22.27 1.84
CA ASN A 31 -20.02 22.74 0.92
C ASN A 31 -19.42 23.37 -0.33
N LEU A 32 -18.38 22.73 -0.86
CA LEU A 32 -17.72 23.15 -2.07
C LEU A 32 -18.28 22.39 -3.28
N LYS A 33 -18.05 22.94 -4.47
CA LYS A 33 -18.39 22.27 -5.72
C LYS A 33 -17.21 21.41 -6.13
N VAL A 34 -17.41 20.10 -6.23
CA VAL A 34 -16.31 19.15 -6.39
C VAL A 34 -16.67 18.11 -7.44
N ARG A 35 -15.63 17.60 -8.14
CA ARG A 35 -15.76 16.45 -9.01
C ARG A 35 -14.52 15.59 -8.86
N ALA A 36 -14.74 14.27 -8.77
CA ALA A 36 -13.65 13.30 -8.74
C ALA A 36 -13.64 12.51 -10.05
N PHE A 37 -12.45 12.07 -10.43
CA PHE A 37 -12.24 11.32 -11.66
C PHE A 37 -11.45 10.06 -11.36
N ASP A 38 -11.77 8.97 -12.04
CA ASP A 38 -10.98 7.75 -11.98
C ASP A 38 -11.13 7.00 -13.29
N ARG A 39 -10.04 6.37 -13.72
CA ARG A 39 -10.11 5.45 -14.86
C ARG A 39 -10.96 4.24 -14.56
N ALA A 40 -11.04 3.85 -13.30
CA ALA A 40 -11.82 2.70 -12.91
C ALA A 40 -13.28 2.88 -13.30
N THR A 41 -13.97 1.75 -13.48
CA THR A 41 -15.41 1.79 -13.67
C THR A 41 -16.18 1.88 -12.37
N GLU A 42 -15.52 1.72 -11.22
CA GLU A 42 -16.21 1.84 -9.94
C GLU A 42 -15.23 2.31 -8.87
N VAL A 43 -15.78 2.62 -7.70
CA VAL A 43 -14.97 3.08 -6.57
C VAL A 43 -14.11 1.92 -6.08
N GLY A 44 -13.13 2.23 -5.22
CA GLY A 44 -12.36 1.24 -4.52
C GLY A 44 -10.86 1.31 -4.75
N GLY A 45 -10.43 1.93 -5.85
CA GLY A 45 -8.99 2.11 -6.07
C GLY A 45 -8.30 0.77 -6.19
N THR A 46 -7.26 0.59 -5.37
CA THR A 46 -6.49 -0.64 -5.48
CA THR A 46 -6.48 -0.65 -5.38
C THR A 46 -7.35 -1.88 -5.25
N TRP A 47 -8.48 -1.76 -4.55
CA TRP A 47 -9.36 -2.89 -4.28
C TRP A 47 -10.33 -3.16 -5.42
N PHE A 48 -10.37 -2.25 -6.40
CA PHE A 48 -11.02 -2.54 -7.67
C PHE A 48 -10.02 -3.13 -8.65
N TRP A 49 -8.80 -2.59 -8.71
CA TRP A 49 -7.82 -3.02 -9.70
C TRP A 49 -7.24 -4.39 -9.39
N ASN A 50 -7.00 -4.70 -8.11
CA ASN A 50 -6.31 -5.95 -7.74
C ASN A 50 -7.36 -6.97 -7.34
N GLN A 51 -7.65 -7.90 -8.26
CA GLN A 51 -8.67 -8.91 -8.02
C GLN A 51 -8.09 -10.33 -8.13
N TYR A 52 -6.82 -10.48 -7.80
CA TYR A 52 -6.15 -11.76 -7.99
C TYR A 52 -6.54 -12.74 -6.87
N PRO A 53 -6.26 -14.04 -7.06
CA PRO A 53 -6.63 -15.04 -6.05
C PRO A 53 -5.91 -14.82 -4.73
N GLY A 54 -6.69 -14.83 -3.63
CA GLY A 54 -6.15 -14.70 -2.29
C GLY A 54 -5.88 -13.28 -1.84
N ALA A 55 -6.26 -12.26 -2.62
CA ALA A 55 -6.01 -10.89 -2.21
C ALA A 55 -6.72 -10.60 -0.88
N LEU A 56 -5.97 -10.09 0.09
CA LEU A 56 -6.37 -10.03 1.48
C LEU A 56 -5.63 -8.88 2.14
N SER A 57 -6.28 -8.19 3.08
CA SER A 57 -5.63 -7.10 3.81
C SER A 57 -4.53 -7.61 4.74
N ASP A 58 -3.58 -6.73 5.05
CA ASP A 58 -2.59 -6.90 6.13
C ASP A 58 -3.12 -6.37 7.45
N SER A 59 -4.02 -5.41 7.38
CA SER A 59 -4.63 -4.78 8.56
C SER A 59 -5.83 -5.61 8.98
N GLU A 60 -6.05 -5.71 10.29
CA GLU A 60 -7.24 -6.41 10.76
C GLU A 60 -8.51 -5.67 10.34
N THR A 61 -9.57 -6.45 10.09
CA THR A 61 -10.80 -5.96 9.47
C THR A 61 -11.37 -4.74 10.18
N HIS A 62 -11.40 -4.77 11.51
CA HIS A 62 -12.08 -3.71 12.25
C HIS A 62 -11.31 -2.39 12.23
N LEU A 63 -10.08 -2.40 11.74
CA LEU A 63 -9.24 -1.20 11.62
C LEU A 63 -8.96 -0.80 10.18
N TYR A 64 -9.29 -1.64 9.21
CA TYR A 64 -9.02 -1.32 7.81
C TYR A 64 -10.29 -0.74 7.19
N CYS A 65 -10.63 0.45 7.68
CA CYS A 65 -11.90 1.07 7.35
C CYS A 65 -11.84 2.51 7.84
N TYR A 66 -12.85 3.28 7.44
CA TYR A 66 -13.01 4.64 7.95
C TYR A 66 -13.48 4.62 9.41
N SER A 67 -13.02 5.61 10.17
CA SER A 67 -13.44 5.81 11.56
C SER A 67 -14.36 7.01 11.75
N TRP A 68 -14.53 7.86 10.73
CA TRP A 68 -15.19 9.16 10.89
C TRP A 68 -16.71 9.06 10.88
N ASP A 69 -17.27 7.95 10.39
CA ASP A 69 -18.71 7.74 10.36
C ASP A 69 -19.04 6.71 11.43
N LYS A 70 -19.52 7.17 12.58
CA LYS A 70 -19.78 6.26 13.68
CA LYS A 70 -19.77 6.24 13.68
C LYS A 70 -20.94 5.31 13.37
N GLU A 71 -21.87 5.72 12.52
CA GLU A 71 -22.96 4.82 12.14
C GLU A 71 -22.42 3.67 11.29
N LEU A 72 -21.47 3.97 10.40
CA LEU A 72 -20.85 2.93 9.59
C LEU A 72 -20.08 1.93 10.46
N LEU A 73 -19.36 2.43 11.47
CA LEU A 73 -18.64 1.54 12.39
C LEU A 73 -19.59 0.54 13.04
N GLN A 74 -20.76 1.00 13.51
CA GLN A 74 -21.67 0.09 14.20
C GLN A 74 -22.32 -0.87 13.23
N GLU A 75 -22.42 -0.48 11.97
CA GLU A 75 -23.11 -1.25 10.95
C GLU A 75 -22.21 -2.26 10.27
N MET A 76 -20.90 -2.12 10.37
CA MET A 76 -20.17 -2.77 9.31
C MET A 76 -19.90 -4.24 9.62
N GLU A 77 -19.65 -4.98 8.54
CA GLU A 77 -19.48 -6.42 8.63
CA GLU A 77 -19.48 -6.41 8.63
C GLU A 77 -18.04 -6.74 9.02
N ILE A 78 -17.90 -7.57 10.05
CA ILE A 78 -16.60 -8.03 10.50
C ILE A 78 -16.67 -9.54 10.44
N LYS A 79 -16.44 -10.08 9.24
CA LYS A 79 -16.66 -11.49 8.96
C LYS A 79 -15.50 -12.34 9.46
N ARG A 80 -14.29 -11.99 9.04
CA ARG A 80 -13.07 -12.64 9.48
C ARG A 80 -12.12 -11.58 10.06
N LYS A 81 -11.03 -12.07 10.64
CA LYS A 81 -10.11 -11.18 11.35
C LYS A 81 -9.43 -10.20 10.39
N TYR A 82 -9.23 -10.61 9.15
CA TYR A 82 -8.72 -9.78 8.06
C TYR A 82 -9.77 -9.78 6.96
N ILE A 83 -9.64 -8.87 5.99
CA ILE A 83 -10.74 -8.64 5.04
C ILE A 83 -10.28 -8.91 3.60
N SER A 84 -11.06 -9.71 2.89
CA SER A 84 -10.71 -10.07 1.52
CA SER A 84 -10.75 -10.08 1.51
C SER A 84 -11.00 -8.91 0.56
N GLN A 85 -10.33 -8.95 -0.59
CA GLN A 85 -10.52 -7.90 -1.59
C GLN A 85 -11.98 -7.72 -1.98
N PRO A 86 -12.76 -8.76 -2.29
CA PRO A 86 -14.18 -8.51 -2.60
C PRO A 86 -14.92 -7.80 -1.49
N ASP A 87 -14.56 -8.08 -0.23
CA ASP A 87 -15.27 -7.46 0.88
C ASP A 87 -14.81 -6.02 1.13
N VAL A 88 -13.54 -5.69 0.87
CA VAL A 88 -13.14 -4.27 0.94
C VAL A 88 -13.88 -3.49 -0.13
N LEU A 89 -13.94 -4.05 -1.34
CA LEU A 89 -14.64 -3.37 -2.43
C LEU A 89 -16.11 -3.16 -2.09
N ALA A 90 -16.75 -4.19 -1.52
CA ALA A 90 -18.15 -4.05 -1.11
C ALA A 90 -18.31 -2.96 -0.06
N TYR A 91 -17.36 -2.86 0.87
CA TYR A 91 -17.41 -1.83 1.91
C TYR A 91 -17.34 -0.44 1.29
N LEU A 92 -16.35 -0.20 0.43
CA LEU A 92 -16.20 1.13 -0.17
C LEU A 92 -17.40 1.49 -1.04
N LYS A 93 -18.01 0.52 -1.71
CA LYS A 93 -19.24 0.79 -2.43
C LYS A 93 -20.37 1.18 -1.49
N ARG A 94 -20.45 0.55 -0.31
CA ARG A 94 -21.46 0.95 0.66
CA ARG A 94 -21.46 0.96 0.67
C ARG A 94 -21.22 2.37 1.16
N VAL A 95 -19.95 2.77 1.32
CA VAL A 95 -19.66 4.15 1.72
C VAL A 95 -20.17 5.11 0.66
N ALA A 96 -19.91 4.81 -0.61
CA ALA A 96 -20.34 5.67 -1.70
C ALA A 96 -21.86 5.68 -1.84
N ASP A 97 -22.50 4.53 -1.60
CA ASP A 97 -23.97 4.49 -1.51
C ASP A 97 -24.47 5.43 -0.43
N LYS A 98 -23.97 5.23 0.79
CA LYS A 98 -24.53 5.91 1.96
C LYS A 98 -24.35 7.41 1.89
N HIS A 99 -23.23 7.88 1.33
CA HIS A 99 -22.96 9.32 1.30
C HIS A 99 -23.14 9.90 -0.11
N ASP A 100 -23.82 9.17 -1.01
CA ASP A 100 -24.28 9.72 -2.28
C ASP A 100 -23.10 10.29 -3.08
N LEU A 101 -22.02 9.52 -3.14
CA LEU A 101 -20.78 10.04 -3.72
C LEU A 101 -20.73 9.93 -5.23
N ARG A 102 -21.38 8.92 -5.82
CA ARG A 102 -21.12 8.61 -7.22
C ARG A 102 -21.59 9.71 -8.15
N LYS A 103 -22.58 10.51 -7.74
CA LYS A 103 -23.07 11.57 -8.61
C LYS A 103 -22.02 12.64 -8.87
N ASP A 104 -20.95 12.67 -8.07
CA ASP A 104 -19.86 13.62 -8.25
C ASP A 104 -18.56 12.92 -8.58
N ILE A 105 -18.64 11.66 -9.03
CA ILE A 105 -17.50 10.93 -9.55
C ILE A 105 -17.77 10.65 -11.01
N GLN A 106 -16.78 10.93 -11.85
CA GLN A 106 -16.83 10.62 -13.27
C GLN A 106 -15.91 9.42 -13.51
N PHE A 107 -16.52 8.27 -13.74
CA PHE A 107 -15.79 7.02 -13.93
C PHE A 107 -15.31 6.86 -15.38
N GLU A 108 -14.45 5.86 -15.57
CA GLU A 108 -13.84 5.56 -16.87
C GLU A 108 -13.23 6.80 -17.51
N THR A 109 -12.62 7.65 -16.68
CA THR A 109 -12.11 8.95 -17.16
C THR A 109 -10.71 9.14 -16.58
N GLY A 110 -9.69 8.91 -17.41
CA GLY A 110 -8.33 9.19 -17.01
C GLY A 110 -8.03 10.68 -17.16
N ILE A 111 -7.23 11.20 -16.24
CA ILE A 111 -6.73 12.57 -16.32
C ILE A 111 -5.40 12.54 -17.06
N ARG A 112 -5.31 13.25 -18.19
CA ARG A 112 -4.07 13.30 -18.96
C ARG A 112 -3.11 14.36 -18.44
N SER A 113 -3.61 15.55 -18.11
CA SER A 113 -2.75 16.66 -17.71
C SER A 113 -3.47 17.56 -16.72
N ALA A 114 -2.67 18.29 -15.96
CA ALA A 114 -3.16 19.32 -15.03
C ALA A 114 -2.13 20.44 -15.03
N TYR A 115 -2.50 21.59 -15.57
CA TYR A 115 -1.61 22.73 -15.70
C TYR A 115 -2.11 23.86 -14.80
N PHE A 116 -1.22 24.37 -13.95
CA PHE A 116 -1.60 25.47 -13.07
C PHE A 116 -1.60 26.78 -13.86
N ASP A 117 -2.68 27.55 -13.69
CA ASP A 117 -2.85 28.85 -14.33
C ASP A 117 -2.44 29.92 -13.31
N GLU A 118 -1.22 30.43 -13.45
CA GLU A 118 -0.71 31.40 -12.49
C GLU A 118 -1.46 32.74 -12.57
N GLU A 119 -2.04 33.06 -13.73
CA GLU A 119 -2.80 34.30 -13.84
C GLU A 119 -4.10 34.22 -13.05
N ASN A 120 -4.78 33.06 -13.12
CA ASN A 120 -6.07 32.88 -12.47
C ASN A 120 -5.97 32.12 -11.14
N SER A 121 -4.80 31.59 -10.79
CA SER A 121 -4.62 30.76 -9.60
C SER A 121 -5.64 29.64 -9.53
N PHE A 122 -5.71 28.87 -10.61
CA PHE A 122 -6.51 27.65 -10.61
C PHE A 122 -5.85 26.64 -11.54
N TRP A 123 -6.39 25.43 -11.54
CA TRP A 123 -5.85 24.32 -12.33
C TRP A 123 -6.72 24.06 -13.55
N ASN A 124 -6.06 23.91 -14.69
CA ASN A 124 -6.68 23.46 -15.94
C ASN A 124 -6.45 21.96 -16.06
N VAL A 125 -7.53 21.19 -15.94
CA VAL A 125 -7.47 19.72 -15.92
C VAL A 125 -8.06 19.19 -17.23
N THR A 126 -7.33 18.29 -17.89
CA THR A 126 -7.73 17.72 -19.17
C THR A 126 -7.79 16.21 -19.07
N THR A 127 -8.96 15.64 -19.38
CA THR A 127 -9.15 14.20 -19.43
C THR A 127 -8.56 13.62 -20.72
N GLU A 128 -8.42 12.29 -20.73
CA GLU A 128 -7.89 11.61 -21.91
C GLU A 128 -8.86 11.66 -23.09
N ASN A 129 -10.11 12.05 -22.86
CA ASN A 129 -11.06 12.30 -23.94
C ASN A 129 -11.23 13.79 -24.24
N ASP A 130 -10.24 14.60 -23.86
CA ASP A 130 -10.15 16.02 -24.23
C ASP A 130 -11.21 16.88 -23.58
N GLU A 131 -11.78 16.45 -22.46
CA GLU A 131 -12.61 17.32 -21.66
C GLU A 131 -11.72 18.21 -20.80
N LYS A 132 -12.07 19.49 -20.73
CA LYS A 132 -11.33 20.46 -19.94
C LYS A 132 -12.18 20.91 -18.77
N PHE A 133 -11.56 20.98 -17.60
CA PHE A 133 -12.23 21.44 -16.39
C PHE A 133 -11.28 22.37 -15.66
N THR A 134 -11.84 23.38 -15.01
CA THR A 134 -11.06 24.30 -14.19
C THR A 134 -11.45 24.15 -12.73
N ALA A 135 -10.46 24.23 -11.85
CA ALA A 135 -10.78 24.16 -10.43
C ALA A 135 -9.70 24.84 -9.62
N ARG A 136 -10.13 25.53 -8.57
CA ARG A 136 -9.18 26.23 -7.69
C ARG A 136 -8.14 25.27 -7.13
N PHE A 137 -8.59 24.13 -6.60
CA PHE A 137 -7.71 23.20 -5.91
C PHE A 137 -7.72 21.85 -6.61
N LEU A 138 -6.56 21.20 -6.62
CA LEU A 138 -6.38 19.87 -7.21
C LEU A 138 -5.97 18.91 -6.10
N ILE A 139 -6.71 17.82 -5.95
CA ILE A 139 -6.42 16.78 -4.94
C ILE A 139 -6.00 15.54 -5.69
N THR A 140 -4.75 15.12 -5.50
CA THR A 140 -4.21 13.95 -6.18
C THR A 140 -4.19 12.80 -5.17
N ALA A 141 -5.22 11.97 -5.22
CA ALA A 141 -5.32 10.82 -4.33
C ALA A 141 -4.99 9.56 -5.13
N LEU A 142 -3.73 9.46 -5.53
CA LEU A 142 -3.29 8.44 -6.48
C LEU A 142 -2.79 7.17 -5.80
N GLY A 143 -2.79 7.10 -4.47
CA GLY A 143 -2.39 5.91 -3.78
C GLY A 143 -0.89 5.82 -3.54
N PRO A 144 -0.48 4.96 -2.60
CA PRO A 144 0.95 4.85 -2.28
C PRO A 144 1.74 3.93 -3.22
N LEU A 145 1.06 3.08 -3.98
CA LEU A 145 1.69 2.11 -4.85
C LEU A 145 1.23 2.34 -6.29
N SER A 146 2.12 2.05 -7.24
CA SER A 146 1.77 2.05 -8.66
C SER A 146 2.10 0.68 -9.25
N ALA A 147 1.42 0.33 -10.34
CA ALA A 147 1.74 -0.91 -11.02
C ALA A 147 3.08 -0.75 -11.76
N PRO A 148 3.88 -1.81 -11.84
CA PRO A 148 5.31 -1.62 -12.13
C PRO A 148 5.78 -1.95 -13.54
N ASN A 149 4.86 -2.24 -14.46
CA ASN A 149 5.16 -2.77 -15.80
C ASN A 149 6.16 -3.94 -15.67
N LEU A 150 6.93 -4.22 -16.73
CA LEU A 150 7.86 -5.33 -16.75
C LEU A 150 9.01 -5.04 -17.70
N PRO A 151 10.26 -5.35 -17.31
CA PRO A 151 11.28 -5.59 -18.33
C PRO A 151 10.93 -6.88 -19.05
N LYS A 152 10.61 -6.79 -20.35
CA LYS A 152 10.06 -7.93 -21.07
C LYS A 152 11.00 -9.13 -21.01
N ILE A 153 10.49 -10.26 -20.51
CA ILE A 153 11.20 -11.52 -20.67
C ILE A 153 11.22 -11.88 -22.14
N LYS A 154 12.39 -12.28 -22.63
CA LYS A 154 12.54 -12.62 -24.06
C LYS A 154 11.51 -13.68 -24.46
N GLY A 155 10.75 -13.37 -25.51
CA GLY A 155 9.79 -14.30 -26.10
C GLY A 155 8.43 -14.35 -25.42
N ILE A 156 8.19 -13.50 -24.42
CA ILE A 156 6.91 -13.54 -23.70
C ILE A 156 5.75 -13.45 -24.67
N GLU A 157 5.90 -12.68 -25.74
CA GLU A 157 4.86 -12.51 -26.75
C GLU A 157 4.58 -13.77 -27.55
N THR A 158 5.44 -14.80 -27.48
CA THR A 158 5.18 -16.03 -28.22
C THR A 158 4.33 -17.02 -27.44
N PHE A 159 4.15 -16.82 -26.12
CA PHE A 159 3.41 -17.78 -25.31
C PHE A 159 1.95 -17.84 -25.73
N LYS A 160 1.46 -19.04 -26.01
CA LYS A 160 0.10 -19.23 -26.50
C LYS A 160 -0.87 -19.73 -25.42
N GLY A 161 -0.41 -19.98 -24.20
CA GLY A 161 -1.29 -20.32 -23.10
C GLY A 161 -1.89 -19.07 -22.50
N GLU A 162 -2.53 -19.23 -21.33
CA GLU A 162 -3.04 -18.08 -20.59
C GLU A 162 -1.90 -17.34 -19.91
N LEU A 163 -1.84 -16.03 -20.13
CA LEU A 163 -0.83 -15.18 -19.49
C LEU A 163 -1.56 -14.15 -18.65
N HIS A 164 -1.51 -14.30 -17.34
CA HIS A 164 -2.29 -13.42 -16.46
C HIS A 164 -1.33 -12.61 -15.60
N HIS A 165 -1.60 -11.32 -15.49
CA HIS A 165 -0.87 -10.44 -14.59
C HIS A 165 -1.73 -10.15 -13.38
N THR A 166 -1.14 -10.20 -12.19
CA THR A 166 -1.98 -10.08 -11.00
C THR A 166 -2.55 -8.68 -10.85
N SER A 167 -1.94 -7.67 -11.45
CA SER A 167 -2.49 -6.33 -11.40
C SER A 167 -3.65 -6.12 -12.36
N ARG A 168 -3.91 -7.07 -13.27
CA ARG A 168 -5.04 -7.00 -14.19
C ARG A 168 -5.66 -8.41 -14.31
N TRP A 169 -6.11 -8.92 -13.18
CA TRP A 169 -6.56 -10.29 -13.11
C TRP A 169 -7.95 -10.39 -13.73
N PRO A 170 -8.14 -11.24 -14.74
CA PRO A 170 -9.43 -11.29 -15.42
C PRO A 170 -10.43 -12.17 -14.68
N LYS A 171 -11.69 -11.99 -15.04
CA LYS A 171 -12.73 -12.84 -14.49
C LYS A 171 -12.67 -14.22 -15.15
N ASP A 172 -13.26 -15.20 -14.47
CA ASP A 172 -13.57 -16.53 -15.02
C ASP A 172 -12.36 -17.44 -15.16
N VAL A 173 -11.26 -17.19 -14.45
CA VAL A 173 -10.08 -18.04 -14.58
C VAL A 173 -10.33 -19.36 -13.85
N THR A 174 -10.07 -20.47 -14.51
CA THR A 174 -10.18 -21.78 -13.88
C THR A 174 -8.80 -22.44 -13.82
N PHE A 175 -8.61 -23.32 -12.85
CA PHE A 175 -7.30 -23.90 -12.60
C PHE A 175 -7.23 -25.40 -12.80
N SER A 176 -8.35 -26.12 -12.71
CA SER A 176 -8.27 -27.57 -12.67
C SER A 176 -7.68 -28.12 -13.96
N GLY A 177 -6.83 -29.13 -13.80
CA GLY A 177 -6.26 -29.81 -14.94
C GLY A 177 -5.09 -29.12 -15.57
N LYS A 178 -4.69 -27.94 -15.09
CA LYS A 178 -3.68 -27.14 -15.80
C LYS A 178 -2.34 -27.14 -15.09
N ARG A 179 -1.28 -27.11 -15.89
CA ARG A 179 0.06 -26.82 -15.39
C ARG A 179 0.20 -25.32 -15.31
N VAL A 180 0.49 -24.80 -14.12
CA VAL A 180 0.50 -23.37 -13.88
C VAL A 180 1.88 -23.00 -13.37
N GLY A 181 2.37 -21.84 -13.80
CA GLY A 181 3.58 -21.25 -13.24
C GLY A 181 3.30 -19.88 -12.67
N VAL A 182 3.99 -19.55 -11.58
CA VAL A 182 3.94 -18.22 -10.96
C VAL A 182 5.35 -17.67 -10.91
N ILE A 183 5.55 -16.50 -11.52
CA ILE A 183 6.78 -15.72 -11.39
C ILE A 183 6.54 -14.65 -10.33
N GLY A 184 7.23 -14.75 -9.20
CA GLY A 184 7.10 -13.74 -8.13
C GLY A 184 6.64 -14.44 -6.87
N THR A 185 7.38 -14.23 -5.77
CA THR A 185 7.09 -14.84 -4.49
C THR A 185 7.09 -13.81 -3.37
N GLY A 186 6.72 -12.58 -3.68
CA GLY A 186 6.56 -11.55 -2.67
C GLY A 186 5.13 -11.45 -2.16
N TRP A 187 4.79 -10.26 -1.69
CA TRP A 187 3.47 -9.92 -1.17
C TRP A 187 2.33 -10.60 -1.93
N VAL A 188 2.21 -10.30 -3.22
CA VAL A 188 1.13 -10.86 -4.04
C VAL A 188 1.35 -12.35 -4.33
N GLY A 189 2.58 -12.74 -4.68
CA GLY A 189 2.81 -14.13 -5.07
C GLY A 189 2.54 -15.11 -3.95
N VAL A 190 2.90 -14.73 -2.72
CA VAL A 190 2.60 -15.58 -1.58
C VAL A 190 1.10 -15.82 -1.49
N GLN A 191 0.30 -14.77 -1.69
CA GLN A 191 -1.14 -14.93 -1.61
C GLN A 191 -1.70 -15.79 -2.74
N VAL A 192 -1.23 -15.56 -3.97
CA VAL A 192 -1.73 -16.32 -5.12
C VAL A 192 -1.33 -17.78 -5.02
N ILE A 193 -0.04 -18.03 -4.73
CA ILE A 193 0.47 -19.40 -4.66
C ILE A 193 -0.28 -20.20 -3.60
N THR A 194 -0.48 -19.61 -2.43
CA THR A 194 -1.19 -20.33 -1.37
C THR A 194 -2.62 -20.64 -1.77
N ALA A 195 -3.25 -19.73 -2.51
CA ALA A 195 -4.65 -19.90 -2.89
C ALA A 195 -4.84 -20.96 -3.97
N ILE A 196 -3.90 -21.07 -4.92
CA ILE A 196 -4.16 -21.88 -6.12
C ILE A 196 -3.46 -23.24 -6.14
N ALA A 197 -2.49 -23.48 -5.27
CA ALA A 197 -1.70 -24.71 -5.38
C ALA A 197 -2.57 -25.96 -5.32
N SER A 198 -3.58 -25.96 -4.45
CA SER A 198 -4.47 -27.12 -4.35
C SER A 198 -5.46 -27.21 -5.50
N GLN A 199 -5.52 -26.21 -6.38
CA GLN A 199 -6.51 -26.24 -7.45
C GLN A 199 -5.95 -26.66 -8.80
N VAL A 200 -4.64 -26.62 -8.97
CA VAL A 200 -4.01 -26.84 -10.27
C VAL A 200 -3.52 -28.27 -10.37
N LYS A 201 -3.27 -28.72 -11.61
CA LYS A 201 -2.68 -30.05 -11.78
C LYS A 201 -1.23 -30.04 -11.32
N HIS A 202 -0.47 -29.02 -11.70
CA HIS A 202 0.88 -28.87 -11.21
C HIS A 202 1.21 -27.39 -11.12
N LEU A 203 1.94 -27.00 -10.09
CA LEU A 203 2.35 -25.61 -9.90
C LEU A 203 3.86 -25.55 -9.91
N THR A 204 4.42 -24.69 -10.77
CA THR A 204 5.85 -24.35 -10.72
C THR A 204 6.00 -22.92 -10.22
N VAL A 205 6.76 -22.76 -9.16
CA VAL A 205 7.01 -21.46 -8.56
C VAL A 205 8.42 -21.04 -8.96
N PHE A 206 8.51 -19.89 -9.64
CA PHE A 206 9.77 -19.31 -10.10
C PHE A 206 10.16 -18.22 -9.09
N GLN A 207 11.08 -18.57 -8.19
CA GLN A 207 11.46 -17.72 -7.07
C GLN A 207 12.77 -17.01 -7.37
N ARG A 208 12.71 -15.69 -7.51
CA ARG A 208 13.93 -14.91 -7.71
C ARG A 208 14.58 -14.51 -6.39
N SER A 209 13.79 -14.29 -5.34
CA SER A 209 14.33 -13.92 -4.03
C SER A 209 13.41 -14.51 -2.97
N ALA A 210 13.96 -15.40 -2.14
CA ALA A 210 13.18 -15.97 -1.04
C ALA A 210 12.92 -14.90 0.03
N GLN A 211 11.66 -14.78 0.45
CA GLN A 211 11.28 -13.78 1.44
CA GLN A 211 11.28 -13.78 1.43
C GLN A 211 10.73 -14.44 2.68
N TYR A 212 10.76 -13.70 3.79
CA TYR A 212 10.20 -14.14 5.05
C TYR A 212 8.70 -13.93 5.04
N SER A 213 7.96 -14.85 5.66
CA SER A 213 6.54 -14.66 5.86
C SER A 213 6.10 -15.35 7.14
N VAL A 214 5.17 -14.73 7.85
CA VAL A 214 4.65 -15.27 9.11
C VAL A 214 3.19 -15.60 8.89
N PRO A 215 2.58 -16.42 9.74
CA PRO A 215 1.16 -16.74 9.56
C PRO A 215 0.29 -15.49 9.71
N ILE A 216 -0.79 -15.44 8.93
CA ILE A 216 -1.75 -14.34 9.07
CA ILE A 216 -1.73 -14.32 9.10
C ILE A 216 -2.70 -14.59 10.24
N GLY A 217 -3.05 -15.85 10.49
CA GLY A 217 -3.97 -16.23 11.55
C GLY A 217 -5.36 -15.67 11.29
N ASN A 218 -5.84 -15.81 10.05
CA ASN A 218 -7.11 -15.22 9.64
C ASN A 218 -8.23 -16.18 10.03
N VAL A 219 -8.98 -15.84 11.07
CA VAL A 219 -10.02 -16.72 11.57
C VAL A 219 -11.37 -16.01 11.52
N VAL A 220 -12.45 -16.80 11.56
CA VAL A 220 -13.78 -16.19 11.64
C VAL A 220 -13.92 -15.45 12.96
N MET A 221 -14.75 -14.41 12.96
CA MET A 221 -15.01 -13.59 14.13
C MET A 221 -16.40 -13.93 14.67
N SER A 222 -16.49 -14.27 15.95
CA SER A 222 -17.81 -14.61 16.47
C SER A 222 -18.64 -13.34 16.64
N GLU A 223 -19.97 -13.50 16.67
CA GLU A 223 -20.83 -12.37 16.99
CA GLU A 223 -20.81 -12.35 16.96
C GLU A 223 -20.40 -11.69 18.28
N THR A 224 -19.98 -12.51 19.26
CA THR A 224 -19.46 -12.02 20.53
C THR A 224 -18.20 -11.18 20.34
N ASP A 225 -17.19 -11.75 19.67
CA ASP A 225 -16.01 -11.03 19.23
C ASP A 225 -16.40 -9.66 18.64
N VAL A 226 -17.35 -9.67 17.71
CA VAL A 226 -17.68 -8.45 16.97
C VAL A 226 -18.40 -7.46 17.88
N ALA A 227 -19.33 -7.94 18.72
CA ALA A 227 -20.07 -7.04 19.58
C ALA A 227 -19.13 -6.30 20.53
N LYS A 228 -18.13 -6.99 21.06
CA LYS A 228 -17.21 -6.37 22.00
C LYS A 228 -16.32 -5.34 21.32
N ILE A 229 -15.91 -5.59 20.07
CA ILE A 229 -15.19 -4.57 19.32
C ILE A 229 -16.06 -3.33 19.17
N LYS A 230 -17.31 -3.52 18.71
CA LYS A 230 -18.20 -2.39 18.48
C LYS A 230 -18.54 -1.66 19.76
N GLU A 231 -18.58 -2.36 20.90
CA GLU A 231 -18.83 -1.69 22.17
C GLU A 231 -17.65 -0.83 22.59
N ASN A 232 -16.44 -1.24 22.23
CA ASN A 232 -15.22 -0.58 22.65
C ASN A 232 -14.59 0.27 21.53
N TYR A 233 -15.34 0.54 20.46
CA TYR A 233 -14.73 1.12 19.26
C TYR A 233 -14.05 2.48 19.54
N ASP A 234 -14.65 3.29 20.42
CA ASP A 234 -14.05 4.60 20.70
C ASP A 234 -12.64 4.45 21.25
N GLN A 235 -12.45 3.52 22.20
CA GLN A 235 -11.13 3.31 22.76
C GLN A 235 -10.19 2.69 21.72
N ILE A 236 -10.73 1.79 20.89
CA ILE A 236 -9.91 1.18 19.85
C ILE A 236 -9.31 2.26 18.94
N TRP A 237 -10.12 3.22 18.49
CA TRP A 237 -9.57 4.27 17.63
C TRP A 237 -8.66 5.23 18.39
N GLU A 238 -8.95 5.50 19.67
CA GLU A 238 -8.02 6.31 20.43
C GLU A 238 -6.64 5.65 20.48
N ASN A 239 -6.60 4.32 20.61
CA ASN A 239 -5.32 3.63 20.60
C ASN A 239 -4.63 3.77 19.25
N VAL A 240 -5.41 3.73 18.17
CA VAL A 240 -4.86 3.97 16.83
C VAL A 240 -4.15 5.32 16.79
N TRP A 241 -4.85 6.39 17.16
CA TRP A 241 -4.29 7.73 17.06
C TRP A 241 -3.09 7.93 17.99
N ASN A 242 -3.00 7.17 19.09
CA ASN A 242 -1.85 7.27 19.99
C ASN A 242 -0.77 6.24 19.70
N SER A 243 -0.79 5.61 18.53
CA SER A 243 0.20 4.60 18.19
C SER A 243 1.12 5.10 17.08
N ALA A 244 2.17 4.34 16.83
CA ALA A 244 3.04 4.66 15.69
C ALA A 244 2.48 4.07 14.41
N LEU A 245 1.90 2.86 14.49
CA LEU A 245 1.53 2.12 13.28
C LEU A 245 0.03 2.02 13.03
N GLY A 246 -0.81 2.24 14.03
CA GLY A 246 -2.24 2.26 13.76
C GLY A 246 -2.83 0.91 13.40
N PHE A 247 -2.15 -0.19 13.74
CA PHE A 247 -2.60 -1.54 13.43
C PHE A 247 -3.24 -2.24 14.62
N GLY A 248 -3.46 -1.54 15.73
CA GLY A 248 -4.06 -2.19 16.89
C GLY A 248 -3.10 -3.01 17.71
N LEU A 249 -1.81 -2.83 17.49
CA LEU A 249 -0.81 -3.65 18.16
C LEU A 249 -0.45 -3.08 19.52
N ASN A 250 0.07 -3.95 20.38
CA ASN A 250 0.77 -3.54 21.60
C ASN A 250 2.21 -3.27 21.21
N GLU A 251 2.49 -2.04 20.82
CA GLU A 251 3.77 -1.75 20.18
C GLU A 251 4.87 -1.80 21.22
N SER A 252 5.82 -2.71 21.03
CA SER A 252 6.80 -3.02 22.04
C SER A 252 7.91 -1.98 22.12
N THR A 253 8.41 -1.75 23.34
CA THR A 253 9.65 -1.02 23.56
C THR A 253 10.76 -1.92 24.08
N LEU A 254 10.51 -3.22 24.15
CA LEU A 254 11.42 -4.17 24.77
C LEU A 254 12.57 -4.52 23.84
N PRO A 255 13.83 -4.33 24.23
CA PRO A 255 14.95 -4.71 23.36
C PRO A 255 15.06 -6.23 23.23
N THR A 256 15.29 -6.68 22.00
CA THR A 256 15.26 -8.10 21.69
C THR A 256 16.27 -8.89 22.52
N MET A 257 17.50 -8.38 22.63
CA MET A 257 18.54 -9.11 23.32
C MET A 257 18.53 -8.91 24.83
N SER A 258 17.56 -8.14 25.36
CA SER A 258 17.47 -7.84 26.79
C SER A 258 16.77 -8.94 27.59
N VAL A 259 16.26 -9.97 26.93
CA VAL A 259 15.68 -11.11 27.61
C VAL A 259 16.47 -12.36 27.24
N SER A 260 16.21 -13.45 27.96
CA SER A 260 16.90 -14.71 27.73
C SER A 260 16.47 -15.34 26.40
N ALA A 261 17.22 -16.36 26.00
CA ALA A 261 16.89 -17.06 24.75
C ALA A 261 15.54 -17.75 24.85
N GLU A 262 15.24 -18.34 26.01
CA GLU A 262 13.96 -19.03 26.18
C GLU A 262 12.80 -18.04 26.18
N GLU A 263 12.94 -16.93 26.91
CA GLU A 263 11.90 -15.91 26.92
C GLU A 263 11.73 -15.25 25.55
N ARG A 264 12.82 -15.10 24.79
CA ARG A 264 12.73 -14.55 23.44
C ARG A 264 11.92 -15.47 22.53
N ASP A 265 12.24 -16.76 22.55
CA ASP A 265 11.48 -17.73 21.76
C ASP A 265 10.01 -17.75 22.16
N LYS A 266 9.70 -17.58 23.43
CA LYS A 266 8.30 -17.57 23.86
C LYS A 266 7.54 -16.37 23.27
N ILE A 267 8.20 -15.21 23.21
CA ILE A 267 7.57 -14.01 22.69
C ILE A 267 7.34 -14.12 21.18
N PHE A 268 8.34 -14.60 20.44
CA PHE A 268 8.16 -14.84 19.01
C PHE A 268 7.05 -15.86 18.76
N GLU A 269 7.04 -16.97 19.52
CA GLU A 269 6.02 -18.00 19.32
C GLU A 269 4.61 -17.45 19.57
N GLU A 270 4.44 -16.63 20.61
CA GLU A 270 3.13 -16.04 20.86
C GLU A 270 2.68 -15.17 19.68
N ALA A 271 3.61 -14.41 19.10
CA ALA A 271 3.23 -13.59 17.94
C ALA A 271 2.96 -14.47 16.73
N TRP A 272 3.77 -15.52 16.54
CA TRP A 272 3.58 -16.42 15.40
C TRP A 272 2.20 -17.07 15.44
N GLN A 273 1.76 -17.47 16.64
CA GLN A 273 0.47 -18.12 16.80
C GLN A 273 -0.68 -17.14 16.62
N GLU A 274 -0.51 -15.91 17.11
CA GLU A 274 -1.55 -14.90 16.92
C GLU A 274 -1.64 -14.49 15.46
N GLY A 275 -0.51 -14.46 14.76
CA GLY A 275 -0.49 -14.10 13.35
C GLY A 275 -0.35 -12.60 13.12
N GLY A 276 0.10 -12.25 11.91
CA GLY A 276 0.20 -10.86 11.49
C GLY A 276 1.63 -10.44 11.28
N GLY A 277 1.91 -9.84 10.12
CA GLY A 277 3.29 -9.45 9.80
C GLY A 277 3.80 -8.31 10.67
N PHE A 278 3.02 -7.23 10.78
CA PHE A 278 3.47 -6.12 11.63
C PHE A 278 3.49 -6.52 13.08
N ARG A 279 2.61 -7.44 13.48
CA ARG A 279 2.65 -7.94 14.85
C ARG A 279 3.99 -8.62 15.14
N PHE A 280 4.42 -9.52 14.25
CA PHE A 280 5.67 -10.22 14.50
C PHE A 280 6.84 -9.24 14.56
N MET A 281 6.81 -8.20 13.72
CA MET A 281 7.95 -7.30 13.60
C MET A 281 7.97 -6.22 14.70
N PHE A 282 6.81 -5.84 15.25
CA PHE A 282 6.75 -4.67 16.14
C PHE A 282 6.04 -4.89 17.48
N GLU A 283 5.26 -5.95 17.65
CA GLU A 283 4.66 -6.27 18.94
C GLU A 283 5.55 -7.14 19.80
N THR A 284 6.46 -7.88 19.17
CA THR A 284 7.39 -8.75 19.89
C THR A 284 8.44 -7.95 20.65
N PHE A 285 9.20 -7.13 19.94
CA PHE A 285 10.27 -6.33 20.52
C PHE A 285 10.29 -4.97 19.84
N GLY A 286 11.09 -4.05 20.38
CA GLY A 286 11.07 -2.68 19.91
C GLY A 286 12.18 -2.28 18.97
N ASP A 287 13.13 -3.17 18.68
CA ASP A 287 14.34 -2.82 17.94
C ASP A 287 14.60 -3.76 16.75
N ILE A 288 13.60 -4.51 16.29
CA ILE A 288 13.83 -5.48 15.23
C ILE A 288 14.19 -4.78 13.92
N ALA A 289 13.59 -3.62 13.65
CA ALA A 289 13.84 -2.86 12.42
C ALA A 289 15.02 -1.90 12.56
N VAL A 290 15.74 -1.94 13.68
CA VAL A 290 16.78 -0.97 14.01
C VAL A 290 18.13 -1.63 14.24
N ASP A 291 18.16 -2.73 14.98
CA ASP A 291 19.39 -3.37 15.43
C ASP A 291 19.61 -4.67 14.68
N GLU A 292 20.76 -4.80 14.01
CA GLU A 292 21.05 -6.01 13.22
CA GLU A 292 20.99 -6.01 13.22
C GLU A 292 21.04 -7.26 14.07
N THR A 293 21.56 -7.16 15.31
CA THR A 293 21.59 -8.34 16.16
C THR A 293 20.19 -8.79 16.54
N ALA A 294 19.31 -7.83 16.85
CA ALA A 294 17.90 -8.15 17.09
C ALA A 294 17.26 -8.74 15.84
N ASN A 295 17.53 -8.13 14.69
CA ASN A 295 16.93 -8.59 13.43
C ASN A 295 17.29 -10.04 13.12
N ILE A 296 18.55 -10.43 13.37
CA ILE A 296 18.96 -11.81 13.13
C ILE A 296 18.17 -12.78 13.99
N GLU A 297 17.80 -12.38 15.21
CA GLU A 297 16.96 -13.24 16.04
C GLU A 297 15.61 -13.48 15.36
N ALA A 298 15.00 -12.42 14.80
CA ALA A 298 13.74 -12.59 14.07
C ALA A 298 13.93 -13.45 12.84
N GLN A 299 14.97 -13.17 12.04
CA GLN A 299 15.31 -14.03 10.90
C GLN A 299 15.38 -15.50 11.30
N ASN A 300 16.17 -15.80 12.33
CA ASN A 300 16.39 -17.20 12.71
C ASN A 300 15.11 -17.87 13.16
N PHE A 301 14.22 -17.14 13.83
CA PHE A 301 12.98 -17.77 14.25
C PHE A 301 12.17 -18.21 13.05
N ILE A 302 12.11 -17.37 12.02
CA ILE A 302 11.33 -17.72 10.84
C ILE A 302 12.02 -18.84 10.07
N LYS A 303 13.35 -18.77 9.94
CA LYS A 303 14.06 -19.84 9.24
C LYS A 303 13.83 -21.18 9.93
N LYS A 304 13.80 -21.20 11.27
CA LYS A 304 13.55 -22.45 11.96
C LYS A 304 12.16 -22.97 11.67
N LYS A 305 11.16 -22.06 11.64
CA LYS A 305 9.81 -22.49 11.28
C LYS A 305 9.77 -23.08 9.88
N ILE A 306 10.48 -22.45 8.92
CA ILE A 306 10.54 -22.99 7.55
C ILE A 306 11.08 -24.40 7.57
N SER A 307 12.19 -24.61 8.30
CA SER A 307 12.79 -25.95 8.36
C SER A 307 11.89 -26.96 9.06
N GLU A 308 10.97 -26.51 9.92
CA GLU A 308 10.09 -27.46 10.57
C GLU A 308 8.87 -27.79 9.72
N ILE A 309 8.37 -26.80 8.97
CA ILE A 309 7.17 -26.98 8.15
C ILE A 309 7.47 -27.78 6.89
N VAL A 310 8.52 -27.38 6.17
CA VAL A 310 8.86 -28.01 4.90
C VAL A 310 9.74 -29.21 5.18
N LYS A 311 9.21 -30.41 4.92
CA LYS A 311 9.84 -31.64 5.41
C LYS A 311 11.09 -32.00 4.62
N ASP A 312 11.11 -31.70 3.33
CA ASP A 312 12.27 -31.97 2.49
C ASP A 312 13.30 -30.89 2.78
N PRO A 313 14.43 -31.22 3.41
CA PRO A 313 15.37 -30.17 3.79
C PRO A 313 15.98 -29.43 2.63
N PHE A 314 15.97 -30.01 1.43
CA PHE A 314 16.56 -29.32 0.29
C PHE A 314 15.59 -28.28 -0.27
N VAL A 315 14.29 -28.59 -0.25
CA VAL A 315 13.29 -27.57 -0.55
C VAL A 315 13.30 -26.48 0.51
N ALA A 316 13.35 -26.86 1.80
CA ALA A 316 13.39 -25.86 2.86
C ALA A 316 14.57 -24.91 2.70
N LYS A 317 15.75 -25.44 2.33
CA LYS A 317 16.90 -24.56 2.10
C LYS A 317 16.64 -23.56 0.98
N LYS A 318 16.04 -24.03 -0.11
CA LYS A 318 15.77 -23.14 -1.26
C LYS A 318 14.80 -22.01 -0.86
N LEU A 319 13.89 -22.27 0.07
CA LEU A 319 12.92 -21.28 0.57
C LEU A 319 13.50 -20.36 1.63
N THR A 320 14.71 -20.61 2.11
CA THR A 320 15.20 -19.90 3.28
C THR A 320 15.90 -18.62 2.84
N PRO A 321 15.46 -17.45 3.30
CA PRO A 321 16.07 -16.19 2.84
C PRO A 321 17.50 -16.03 3.33
N THR A 322 18.22 -15.11 2.67
CA THR A 322 19.54 -14.67 3.11
C THR A 322 19.63 -13.15 3.26
N ASP A 323 18.52 -12.50 3.60
CA ASP A 323 18.45 -11.05 3.68
C ASP A 323 18.02 -10.62 5.07
N LEU A 324 18.03 -9.31 5.29
CA LEU A 324 17.45 -8.76 6.49
C LEU A 324 15.95 -9.05 6.51
N TYR A 325 15.41 -9.21 7.72
CA TYR A 325 13.95 -9.24 7.93
C TYR A 325 13.48 -7.79 7.98
N ALA A 326 13.23 -7.23 6.81
CA ALA A 326 12.85 -5.82 6.74
C ALA A 326 11.84 -5.65 5.61
N CYS A 327 11.60 -4.40 5.24
CA CYS A 327 10.57 -4.02 4.28
C CYS A 327 9.19 -4.33 4.84
N LYS A 328 8.15 -4.17 4.03
CA LYS A 328 6.81 -4.42 4.54
C LYS A 328 6.72 -5.90 4.93
N PRO A 329 6.38 -6.21 6.17
CA PRO A 329 6.34 -7.63 6.55
C PRO A 329 5.23 -8.37 5.83
N LEU A 330 5.53 -9.58 5.39
CA LEU A 330 4.57 -10.44 4.72
C LEU A 330 3.92 -11.39 5.71
N CYS A 331 2.64 -11.71 5.47
CA CYS A 331 2.03 -12.87 6.11
C CYS A 331 1.28 -13.69 5.09
N ASP A 332 0.91 -14.92 5.50
CA ASP A 332 0.35 -15.89 4.58
C ASP A 332 -0.65 -16.80 5.30
N SER A 333 -1.46 -17.48 4.49
CA SER A 333 -2.48 -18.43 4.94
C SER A 333 -2.07 -19.87 4.69
N GLY A 334 -0.76 -20.14 4.65
CA GLY A 334 -0.31 -21.51 4.50
C GLY A 334 0.69 -21.66 3.39
N TYR A 335 1.61 -20.70 3.28
CA TYR A 335 2.52 -20.64 2.12
C TYR A 335 3.59 -21.73 2.16
N TYR A 336 4.34 -21.82 3.26
CA TYR A 336 5.42 -22.81 3.26
C TYR A 336 4.88 -24.23 3.17
N GLU A 337 3.70 -24.47 3.76
CA GLU A 337 3.07 -25.79 3.69
C GLU A 337 2.85 -26.24 2.24
N ILE A 338 2.66 -25.29 1.32
CA ILE A 338 2.37 -25.62 -0.07
C ILE A 338 3.50 -26.44 -0.67
N PHE A 339 4.73 -26.20 -0.24
CA PHE A 339 5.88 -26.81 -0.88
C PHE A 339 6.10 -28.25 -0.44
N ASN A 340 5.29 -28.76 0.51
CA ASN A 340 5.23 -30.20 0.77
C ASN A 340 4.37 -30.95 -0.23
N ARG A 341 3.58 -30.25 -1.04
CA ARG A 341 2.65 -30.94 -1.92
C ARG A 341 3.37 -31.65 -3.05
N ASP A 342 2.85 -32.82 -3.44
CA ASP A 342 3.43 -33.56 -4.55
C ASP A 342 3.33 -32.82 -5.87
N ASN A 343 2.34 -31.91 -6.02
CA ASN A 343 2.15 -31.24 -7.30
C ASN A 343 2.76 -29.86 -7.35
N VAL A 344 3.73 -29.55 -6.49
CA VAL A 344 4.40 -28.25 -6.46
C VAL A 344 5.90 -28.43 -6.66
N SER A 345 6.49 -27.65 -7.59
CA SER A 345 7.92 -27.62 -7.83
C SER A 345 8.42 -26.19 -7.63
N LEU A 346 9.52 -26.04 -6.88
CA LEU A 346 10.13 -24.74 -6.64
C LEU A 346 11.38 -24.60 -7.50
N GLU A 347 11.43 -23.54 -8.30
CA GLU A 347 12.59 -23.21 -9.14
C GLU A 347 13.26 -21.96 -8.60
N ASP A 348 14.53 -22.08 -8.21
CA ASP A 348 15.33 -20.93 -7.78
C ASP A 348 15.92 -20.29 -9.03
N VAL A 349 15.31 -19.19 -9.49
CA VAL A 349 15.70 -18.57 -10.74
C VAL A 349 16.67 -17.43 -10.49
N LYS A 350 17.13 -17.31 -9.24
CA LYS A 350 18.37 -16.57 -9.03
C LYS A 350 19.56 -17.41 -9.48
N ALA A 351 19.61 -18.67 -9.03
CA ALA A 351 20.65 -19.60 -9.45
C ALA A 351 20.43 -20.10 -10.88
N ASN A 352 19.17 -20.20 -11.32
CA ASN A 352 18.81 -20.79 -12.62
C ASN A 352 17.83 -19.87 -13.33
N PRO A 353 18.32 -18.76 -13.90
CA PRO A 353 17.41 -17.72 -14.39
C PRO A 353 16.52 -18.16 -15.55
N ILE A 354 15.37 -17.50 -15.63
CA ILE A 354 14.53 -17.59 -16.83
C ILE A 354 15.24 -16.86 -17.97
N VAL A 355 15.46 -17.56 -19.07
CA VAL A 355 16.14 -16.96 -20.21
C VAL A 355 15.23 -16.78 -21.42
N GLU A 356 14.09 -17.49 -21.50
CA GLU A 356 13.22 -17.32 -22.65
C GLU A 356 11.86 -17.90 -22.34
N ILE A 357 10.84 -17.33 -22.97
CA ILE A 357 9.50 -17.90 -23.01
C ILE A 357 9.20 -18.29 -24.46
N LYS A 358 8.65 -19.49 -24.65
CA LYS A 358 8.28 -19.97 -25.98
C LYS A 358 6.78 -20.29 -25.97
N GLU A 359 6.28 -20.86 -27.07
CA GLU A 359 4.83 -20.94 -27.25
C GLU A 359 4.15 -21.76 -26.15
N ASP A 360 4.85 -22.70 -25.53
CA ASP A 360 4.21 -23.57 -24.55
C ASP A 360 5.02 -23.72 -23.26
N CYS A 361 6.01 -22.85 -23.00
CA CYS A 361 6.89 -23.14 -21.88
C CYS A 361 7.67 -21.90 -21.45
N VAL A 362 8.18 -21.98 -20.23
CA VAL A 362 9.23 -21.11 -19.70
C VAL A 362 10.54 -21.88 -19.72
N VAL A 363 11.59 -21.27 -20.27
CA VAL A 363 12.89 -21.93 -20.41
C VAL A 363 13.88 -21.32 -19.41
N THR A 364 14.47 -22.14 -18.58
CA THR A 364 15.48 -21.67 -17.63
C THR A 364 16.86 -21.87 -18.25
N ALA A 365 17.87 -21.29 -17.57
CA ALA A 365 19.22 -21.22 -18.13
C ALA A 365 19.87 -22.57 -18.30
N ASP A 366 19.42 -23.58 -17.56
CA ASP A 366 19.86 -24.95 -17.75
C ASP A 366 19.28 -25.60 -19.01
N GLY A 367 18.50 -24.86 -19.79
CA GLY A 367 17.87 -25.41 -20.96
C GLY A 367 16.55 -26.12 -20.71
N VAL A 368 16.12 -26.26 -19.46
CA VAL A 368 14.92 -27.04 -19.19
C VAL A 368 13.69 -26.26 -19.61
N GLU A 369 12.81 -26.92 -20.38
CA GLU A 369 11.53 -26.35 -20.80
C GLU A 369 10.47 -26.70 -19.76
N HIS A 370 9.93 -25.68 -19.08
CA HIS A 370 8.88 -25.88 -18.08
C HIS A 370 7.55 -25.67 -18.78
N LYS A 371 6.87 -26.77 -19.12
CA LYS A 371 5.67 -26.67 -19.94
C LYS A 371 4.51 -26.15 -19.10
N LEU A 372 3.78 -25.16 -19.63
CA LEU A 372 2.73 -24.50 -18.87
C LEU A 372 1.49 -24.27 -19.71
N ASP A 373 0.33 -24.47 -19.10
CA ASP A 373 -0.95 -24.01 -19.64
C ASP A 373 -1.27 -22.58 -19.25
N MET A 374 -0.69 -22.09 -18.17
CA MET A 374 -0.99 -20.79 -17.63
C MET A 374 0.26 -20.26 -16.96
N LEU A 375 0.60 -19.03 -17.25
CA LEU A 375 1.70 -18.35 -16.59
C LEU A 375 1.18 -17.09 -15.91
N ILE A 376 1.47 -16.97 -14.62
CA ILE A 376 0.97 -15.88 -13.79
C ILE A 376 2.17 -15.02 -13.42
N CYS A 377 2.12 -13.74 -13.74
CA CYS A 377 3.12 -12.79 -13.28
C CYS A 377 2.60 -12.12 -12.01
N ALA A 378 3.17 -12.50 -10.86
CA ALA A 378 2.78 -11.96 -9.55
C ALA A 378 3.76 -10.84 -9.23
N THR A 379 3.43 -9.65 -9.74
CA THR A 379 4.36 -8.53 -9.74
C THR A 379 4.37 -7.81 -8.40
N GLY A 380 5.43 -7.03 -8.19
CA GLY A 380 5.52 -6.08 -7.09
C GLY A 380 4.88 -4.77 -7.48
N PHE A 381 5.32 -3.70 -6.84
CA PHE A 381 4.75 -2.39 -7.11
C PHE A 381 5.85 -1.36 -7.27
N ASP A 382 5.57 -0.34 -8.10
CA ASP A 382 6.38 0.86 -8.11
C ASP A 382 6.07 1.72 -6.88
N ALA A 383 7.04 2.55 -6.51
CA ALA A 383 6.88 3.49 -5.41
C ALA A 383 5.89 4.59 -5.78
N VAL A 384 5.73 5.54 -4.86
CA VAL A 384 4.60 6.47 -4.92
C VAL A 384 4.66 7.36 -6.15
N ASP A 385 5.86 7.76 -6.57
CA ASP A 385 5.93 8.72 -7.67
C ASP A 385 5.54 8.13 -9.03
N GLY A 386 5.36 6.81 -9.12
CA GLY A 386 4.97 6.21 -10.39
C GLY A 386 3.72 6.82 -10.98
N SER A 387 2.65 6.92 -10.18
CA SER A 387 1.41 7.48 -10.70
C SER A 387 1.54 8.96 -11.06
N TYR A 388 2.44 9.68 -10.40
CA TYR A 388 2.55 11.10 -10.68
C TYR A 388 3.26 11.37 -12.02
N LYS A 389 4.28 10.60 -12.35
CA LYS A 389 4.92 10.89 -13.62
C LYS A 389 4.14 10.36 -14.82
N ARG A 390 3.06 9.61 -14.60
CA ARG A 390 2.16 9.24 -15.67
C ARG A 390 1.08 10.30 -15.92
N ILE A 391 1.06 11.38 -15.14
CA ILE A 391 0.20 12.52 -15.40
C ILE A 391 1.10 13.70 -15.76
N ASP A 392 0.74 14.41 -16.82
CA ASP A 392 1.48 15.60 -17.23
C ASP A 392 0.99 16.74 -16.34
N ILE A 393 1.61 16.89 -15.16
CA ILE A 393 1.27 17.94 -14.20
C ILE A 393 2.32 19.03 -14.28
N ARG A 394 1.90 20.26 -14.57
CA ARG A 394 2.80 21.38 -14.71
C ARG A 394 2.39 22.47 -13.73
N GLY A 395 3.36 22.96 -12.95
CA GLY A 395 3.09 24.00 -11.99
C GLY A 395 3.60 25.36 -12.42
N LYS A 396 4.22 26.08 -11.48
CA LYS A 396 4.76 27.41 -11.78
C LYS A 396 5.88 27.30 -12.83
N ASP A 397 5.83 28.21 -13.81
CA ASP A 397 6.79 28.25 -14.92
C ASP A 397 6.71 26.99 -15.78
N GLY A 398 5.55 26.34 -15.79
CA GLY A 398 5.31 25.19 -16.64
C GLY A 398 6.19 23.99 -16.40
N ILE A 399 6.88 23.95 -15.27
CA ILE A 399 7.78 22.82 -14.97
C ILE A 399 6.93 21.63 -14.57
N SER A 400 7.27 20.46 -15.12
CA SER A 400 6.48 19.26 -14.88
C SER A 400 6.85 18.62 -13.55
N ILE A 401 5.93 17.81 -13.04
CA ILE A 401 6.21 17.10 -11.79
C ILE A 401 7.33 16.08 -11.99
N LYS A 402 7.39 15.46 -13.18
CA LYS A 402 8.48 14.52 -13.47
C LYS A 402 9.84 15.23 -13.43
N ASP A 403 9.92 16.43 -14.01
CA ASP A 403 11.18 17.19 -13.97
C ASP A 403 11.49 17.65 -12.55
N HIS A 404 10.49 18.25 -11.87
CA HIS A 404 10.68 18.73 -10.51
C HIS A 404 11.18 17.63 -9.59
N TRP A 405 10.83 16.38 -9.87
CA TRP A 405 11.22 15.23 -9.07
C TRP A 405 12.31 14.40 -9.73
N LYS A 406 13.00 14.93 -10.74
CA LYS A 406 14.01 14.12 -11.45
C LYS A 406 15.10 13.65 -10.50
N ASP A 407 15.41 14.42 -9.45
CA ASP A 407 16.44 14.08 -8.49
C ASP A 407 15.88 13.36 -7.26
N GLY A 408 14.66 12.84 -7.35
CA GLY A 408 14.01 12.20 -6.23
C GLY A 408 12.75 12.92 -5.80
N PRO A 409 11.67 12.18 -5.52
CA PRO A 409 10.44 12.83 -5.09
C PRO A 409 10.60 13.45 -3.71
N ASN A 410 9.72 14.40 -3.40
CA ASN A 410 9.81 15.15 -2.14
C ASN A 410 8.44 15.74 -1.84
N SER A 411 8.30 16.26 -0.62
CA SER A 411 7.05 16.91 -0.24
C SER A 411 7.23 17.71 1.05
N TYR A 412 6.23 18.51 1.33
CA TYR A 412 6.04 19.06 2.66
C TYR A 412 4.90 18.28 3.31
N LEU A 413 5.23 17.52 4.36
CA LEU A 413 4.29 16.74 5.18
C LEU A 413 3.65 15.58 4.41
N GLY A 414 4.17 15.22 3.25
CA GLY A 414 3.53 14.22 2.44
C GLY A 414 2.35 14.71 1.62
N MET A 415 2.09 16.02 1.62
CA MET A 415 0.86 16.55 1.03
C MET A 415 1.07 17.69 0.04
N MET A 416 2.22 18.35 0.04
CA MET A 416 2.41 19.55 -0.78
C MET A 416 3.75 19.49 -1.47
N VAL A 417 3.81 20.08 -2.67
CA VAL A 417 5.03 20.12 -3.48
C VAL A 417 5.30 21.57 -3.82
N SER A 418 6.49 22.06 -3.48
CA SER A 418 6.87 23.40 -3.88
CA SER A 418 6.87 23.40 -3.87
C SER A 418 6.80 23.54 -5.39
N ASN A 419 6.38 24.71 -5.84
CA ASN A 419 6.18 25.05 -7.26
C ASN A 419 4.88 24.46 -7.80
N PHE A 420 3.99 23.94 -6.95
CA PHE A 420 2.72 23.37 -7.40
C PHE A 420 1.61 23.88 -6.49
N PRO A 421 1.26 25.16 -6.61
CA PRO A 421 0.27 25.74 -5.70
C PRO A 421 -1.10 25.10 -5.86
N ASN A 422 -1.87 25.13 -4.78
CA ASN A 422 -3.25 24.69 -4.77
C ASN A 422 -3.40 23.20 -5.08
N MET A 423 -2.30 22.47 -5.05
CA MET A 423 -2.30 21.02 -5.23
C MET A 423 -2.03 20.35 -3.90
N PHE A 424 -2.84 19.35 -3.56
CA PHE A 424 -2.66 18.61 -2.32
C PHE A 424 -2.65 17.11 -2.61
N MET A 425 -1.65 16.44 -2.08
CA MET A 425 -1.49 15.00 -2.26
C MET A 425 -2.04 14.24 -1.05
N VAL A 426 -2.72 13.14 -1.31
CA VAL A 426 -3.05 12.15 -0.29
C VAL A 426 -2.13 10.97 -0.52
N PHE A 427 -1.33 10.62 0.49
CA PHE A 427 -0.32 9.57 0.41
C PHE A 427 0.80 9.93 -0.56
N GLY A 428 1.13 11.22 -0.65
CA GLY A 428 2.27 11.64 -1.43
C GLY A 428 3.56 11.16 -0.81
N PRO A 429 4.67 11.42 -1.50
CA PRO A 429 5.99 11.01 -0.98
C PRO A 429 6.22 11.54 0.43
N ASN A 430 6.89 10.71 1.25
CA ASN A 430 7.26 11.03 2.63
C ASN A 430 6.02 11.23 3.51
N THR A 431 5.00 10.42 3.27
CA THR A 431 3.89 10.16 4.17
C THR A 431 4.30 9.11 5.20
N PRO A 432 3.72 9.12 6.41
CA PRO A 432 4.08 8.11 7.41
C PRO A 432 3.85 6.69 6.92
N LEU A 433 4.64 5.77 7.48
CA LEU A 433 4.36 4.35 7.38
C LEU A 433 3.40 3.98 8.53
N ALA A 434 2.16 3.66 8.19
CA ALA A 434 1.15 3.25 9.16
C ALA A 434 -0.03 2.71 8.39
N ASN A 435 -0.97 2.08 9.13
CA ASN A 435 -2.26 1.66 8.58
C ASN A 435 -2.86 2.78 7.73
N SER A 436 -3.31 2.42 6.52
CA SER A 436 -3.60 3.47 5.52
C SER A 436 -4.84 4.28 5.83
N PRO A 437 -5.99 3.71 6.18
CA PRO A 437 -7.18 4.55 6.38
C PRO A 437 -6.93 5.63 7.43
N PRO A 438 -6.28 5.32 8.57
CA PRO A 438 -5.98 6.41 9.51
C PRO A 438 -5.05 7.48 8.95
N ILE A 439 -4.00 7.09 8.23
CA ILE A 439 -3.15 8.09 7.56
C ILE A 439 -3.98 8.95 6.61
N ILE A 440 -4.84 8.29 5.83
CA ILE A 440 -5.63 9.00 4.83
C ILE A 440 -6.60 9.96 5.49
N GLU A 441 -7.30 9.53 6.54
CA GLU A 441 -8.19 10.45 7.24
C GLU A 441 -7.41 11.62 7.82
N THR A 442 -6.24 11.35 8.39
CA THR A 442 -5.37 12.41 8.90
C THR A 442 -5.07 13.44 7.83
N GLN A 443 -4.63 12.98 6.66
CA GLN A 443 -4.23 13.92 5.60
C GLN A 443 -5.43 14.64 5.00
N VAL A 444 -6.49 13.90 4.70
CA VAL A 444 -7.69 14.51 4.12
C VAL A 444 -8.25 15.57 5.06
N GLU A 445 -8.26 15.29 6.37
CA GLU A 445 -8.80 16.27 7.31
C GLU A 445 -7.90 17.49 7.41
N TRP A 446 -6.57 17.31 7.32
CA TRP A 446 -5.66 18.44 7.34
C TRP A 446 -5.82 19.30 6.10
N ILE A 447 -5.93 18.68 4.93
CA ILE A 447 -6.14 19.42 3.68
C ILE A 447 -7.45 20.20 3.75
N ALA A 448 -8.52 19.56 4.21
CA ALA A 448 -9.81 20.24 4.23
C ALA A 448 -9.81 21.41 5.22
N ASP A 449 -9.13 21.25 6.37
CA ASP A 449 -9.00 22.36 7.32
C ASP A 449 -8.27 23.54 6.70
N LEU A 450 -7.19 23.27 5.95
CA LEU A 450 -6.46 24.34 5.27
C LEU A 450 -7.29 24.95 4.15
N ILE A 451 -8.00 24.12 3.39
CA ILE A 451 -8.80 24.64 2.28
C ILE A 451 -9.98 25.46 2.81
N GLY A 452 -10.67 24.94 3.84
CA GLY A 452 -11.74 25.71 4.45
C GLY A 452 -11.25 27.01 5.03
N TYR A 453 -10.05 27.00 5.61
CA TYR A 453 -9.42 28.22 6.09
C TYR A 453 -9.24 29.23 4.96
N ALA A 454 -8.67 28.77 3.84
CA ALA A 454 -8.42 29.65 2.70
C ALA A 454 -9.72 30.25 2.16
N GLU A 455 -10.78 29.44 2.08
CA GLU A 455 -12.07 29.98 1.65
C GLU A 455 -12.56 31.07 2.59
N ASP A 456 -12.39 30.88 3.90
CA ASP A 456 -12.84 31.86 4.87
C ASP A 456 -11.99 33.12 4.86
N HIS A 457 -10.72 33.04 4.46
CA HIS A 457 -9.82 34.18 4.51
C HIS A 457 -9.43 34.68 3.12
N GLN A 458 -10.25 34.40 2.12
CA GLN A 458 -10.12 34.98 0.78
C GLN A 458 -8.76 34.67 0.13
N ILE A 459 -8.06 33.65 0.61
CA ILE A 459 -6.76 33.29 0.05
C ILE A 459 -6.97 32.29 -1.08
N ASN A 460 -6.30 32.52 -2.22
CA ASN A 460 -6.57 31.74 -3.41
C ASN A 460 -5.32 31.09 -4.01
N GLN A 461 -4.19 31.13 -3.31
CA GLN A 461 -3.01 30.40 -3.76
C GLN A 461 -2.22 29.96 -2.54
N ILE A 462 -2.17 28.64 -2.31
CA ILE A 462 -1.47 28.03 -1.19
C ILE A 462 -0.29 27.24 -1.74
N GLU A 463 0.91 27.50 -1.21
CA GLU A 463 2.10 26.82 -1.74
C GLU A 463 3.12 26.58 -0.64
N ALA A 464 3.66 25.36 -0.59
CA ALA A 464 4.77 25.07 0.29
C ALA A 464 6.06 25.69 -0.24
N THR A 465 6.90 26.16 0.67
CA THR A 465 8.17 26.73 0.29
C THR A 465 9.21 25.62 0.09
N LYS A 466 10.23 25.94 -0.71
CA LYS A 466 11.32 25.00 -0.94
C LYS A 466 12.02 24.63 0.36
N ASP A 467 12.15 25.59 1.28
CA ASP A 467 12.81 25.30 2.55
C ASP A 467 11.98 24.35 3.41
N ALA A 468 10.65 24.50 3.37
CA ALA A 468 9.79 23.58 4.11
C ALA A 468 9.85 22.18 3.54
N VAL A 469 9.85 22.05 2.21
CA VAL A 469 10.00 20.74 1.59
C VAL A 469 11.33 20.11 1.98
N ASP A 470 12.41 20.89 1.94
CA ASP A 470 13.72 20.31 2.23
C ASP A 470 13.87 19.93 3.69
N ASN A 471 13.30 20.72 4.60
CA ASN A 471 13.35 20.33 6.01
C ASN A 471 12.63 19.00 6.23
N TRP A 472 11.52 18.78 5.54
CA TRP A 472 10.79 17.52 5.68
C TRP A 472 11.60 16.35 5.13
N THR A 473 12.28 16.54 3.99
CA THR A 473 13.18 15.51 3.49
C THR A 473 14.26 15.17 4.52
N ASN A 474 14.79 16.18 5.20
CA ASN A 474 15.83 15.96 6.20
C ASN A 474 15.26 15.22 7.41
N THR A 475 14.10 15.67 7.90
CA THR A 475 13.40 14.98 8.98
C THR A 475 13.20 13.50 8.66
N CYS A 476 12.68 13.21 7.46
CA CYS A 476 12.44 11.82 7.08
C CYS A 476 13.74 11.05 6.90
N SER A 477 14.75 11.71 6.33
CA SER A 477 16.05 11.05 6.16
C SER A 477 16.68 10.71 7.49
N ASP A 478 16.59 11.62 8.47
CA ASP A 478 17.23 11.38 9.76
C ASP A 478 16.60 10.21 10.49
N ILE A 479 15.27 10.12 10.46
CA ILE A 479 14.59 8.97 11.07
C ILE A 479 14.91 7.69 10.31
N ALA A 480 14.76 7.71 8.99
CA ALA A 480 14.86 6.50 8.19
C ALA A 480 16.25 5.87 8.27
N ASN A 481 17.29 6.68 8.49
CA ASN A 481 18.65 6.15 8.49
C ASN A 481 19.07 5.59 9.83
N LYS A 482 18.25 5.72 10.86
CA LYS A 482 18.45 4.96 12.09
C LYS A 482 17.95 3.53 11.98
N THR A 483 17.24 3.20 10.90
CA THR A 483 16.60 1.90 10.72
C THR A 483 17.31 1.10 9.65
N LEU A 484 17.00 -0.20 9.62
CA LEU A 484 17.54 -1.12 8.64
C LEU A 484 16.82 -1.05 7.31
N PHE A 485 15.70 -0.34 7.24
CA PHE A 485 14.95 -0.24 5.99
C PHE A 485 15.79 0.43 4.90
N ALA A 486 16.63 1.39 5.28
CA ALA A 486 17.56 2.00 4.33
C ALA A 486 18.47 0.95 3.71
N LYS A 487 19.01 0.06 4.54
CA LYS A 487 19.96 -0.96 4.11
C LYS A 487 19.30 -2.11 3.36
N ALA A 488 17.98 -2.27 3.46
CA ALA A 488 17.30 -3.47 2.98
C ALA A 488 16.80 -3.37 1.54
N LYS A 489 16.78 -2.17 0.95
CA LYS A 489 16.40 -1.97 -0.45
C LYS A 489 14.98 -2.49 -0.74
N CYS A 490 14.00 -1.73 -0.21
CA CYS A 490 12.59 -2.08 -0.33
C CYS A 490 11.98 -1.31 -1.50
N GLU A 491 11.41 -2.04 -2.47
CA GLU A 491 10.85 -1.41 -3.66
C GLU A 491 9.66 -0.51 -3.31
N GLU A 492 8.75 -0.99 -2.46
CA GLU A 492 7.54 -0.24 -2.13
C GLU A 492 7.84 1.01 -1.29
N PHE A 493 9.05 1.10 -0.71
CA PHE A 493 9.46 2.29 0.04
C PHE A 493 10.28 3.28 -0.78
N GLY A 494 10.61 2.94 -2.02
CA GLY A 494 11.30 3.85 -2.92
C GLY A 494 12.77 3.57 -3.20
N ALA A 495 13.23 2.33 -3.07
CA ALA A 495 14.64 2.02 -3.30
C ALA A 495 15.02 2.04 -4.78
N ASN A 496 14.04 1.94 -5.68
CA ASN A 496 14.29 1.93 -7.12
C ASN A 496 14.05 3.29 -7.78
N VAL A 497 13.80 4.33 -7.00
CA VAL A 497 13.56 5.65 -7.57
C VAL A 497 14.89 6.36 -7.83
N ASN A 502 18.88 4.17 -1.78
CA ASN A 502 19.52 4.79 -0.62
C ASN A 502 18.49 5.44 0.30
N THR A 503 17.48 6.05 -0.30
CA THR A 503 16.48 6.83 0.42
C THR A 503 15.19 6.03 0.60
N VAL A 504 14.55 6.23 1.75
CA VAL A 504 13.23 5.66 2.04
C VAL A 504 12.24 6.81 2.04
N TYR A 505 11.27 6.77 1.11
CA TYR A 505 10.33 7.87 0.94
C TYR A 505 9.10 7.72 1.83
N LEU A 506 9.35 7.41 3.10
CA LEU A 506 8.31 7.34 4.12
C LEU A 506 8.79 8.08 5.36
N TYR A 507 7.87 8.81 6.00
CA TYR A 507 8.09 9.29 7.35
C TYR A 507 7.94 8.11 8.30
N MET A 508 9.00 7.78 9.04
CA MET A 508 8.99 6.60 9.90
C MET A 508 8.98 6.94 11.38
N GLY A 509 8.54 8.15 11.74
CA GLY A 509 8.39 8.50 13.14
C GLY A 509 7.07 8.12 13.75
N GLY A 510 6.13 7.62 12.94
CA GLY A 510 4.89 7.11 13.47
C GLY A 510 3.72 8.05 13.26
N LEU A 511 2.52 7.46 13.32
CA LEU A 511 1.28 8.20 13.11
C LEU A 511 1.05 9.25 14.19
N LYS A 512 1.29 8.90 15.46
CA LYS A 512 1.05 9.88 16.53
C LYS A 512 1.96 11.09 16.38
N GLU A 513 3.26 10.85 16.16
CA GLU A 513 4.20 11.96 15.98
C GLU A 513 3.89 12.74 14.71
N TYR A 514 3.50 12.06 13.64
CA TYR A 514 3.11 12.76 12.42
C TYR A 514 1.95 13.71 12.70
N ARG A 515 0.91 13.22 13.39
CA ARG A 515 -0.24 14.07 13.69
C ARG A 515 0.15 15.26 14.57
N ASN A 516 1.18 15.09 15.41
CA ASN A 516 1.72 16.22 16.16
C ASN A 516 2.42 17.20 15.23
N GLN A 517 3.24 16.70 14.31
CA GLN A 517 3.98 17.56 13.41
C GLN A 517 3.05 18.41 12.57
N ILE A 518 2.05 17.79 11.93
CA ILE A 518 1.21 18.57 11.03
C ILE A 518 0.26 19.48 11.81
N SER A 519 -0.13 19.08 13.03
CA SER A 519 -0.96 19.96 13.84
C SER A 519 -0.18 21.19 14.32
N GLU A 520 1.12 21.04 14.57
CA GLU A 520 1.94 22.21 14.89
C GLU A 520 1.92 23.22 13.75
N VAL A 521 1.96 22.72 12.51
CA VAL A 521 1.97 23.59 11.35
C VAL A 521 0.66 24.36 11.23
N SER A 522 -0.46 23.65 11.32
CA SER A 522 -1.75 24.32 11.19
C SER A 522 -2.01 25.26 12.36
N ASN A 523 -1.45 24.96 13.54
CA ASN A 523 -1.65 25.81 14.71
C ASN A 523 -0.79 27.06 14.69
N ASN A 524 0.33 27.02 13.99
CA ASN A 524 1.24 28.16 13.88
C ASN A 524 1.11 28.83 12.52
N ASN A 525 -0.13 29.14 12.13
CA ASN A 525 -0.42 29.92 10.93
C ASN A 525 0.22 29.30 9.69
N TYR A 526 0.18 27.97 9.62
CA TYR A 526 0.65 27.18 8.46
C TYR A 526 2.07 27.58 8.06
N LYS A 527 2.98 27.53 9.03
CA LYS A 527 4.39 27.80 8.76
C LYS A 527 4.91 26.85 7.68
N GLY A 528 5.79 27.36 6.83
CA GLY A 528 6.27 26.63 5.68
C GLY A 528 5.38 26.72 4.47
N CYS A 529 4.22 27.38 4.57
CA CYS A 529 3.29 27.55 3.47
C CYS A 529 3.18 29.03 3.13
N LEU A 530 3.09 29.32 1.84
CA LEU A 530 2.81 30.67 1.35
C LEU A 530 1.31 30.80 1.11
N LEU A 531 0.67 31.69 1.86
CA LEU A 531 -0.75 31.95 1.72
C LEU A 531 -0.92 33.33 1.09
N LYS A 532 -1.47 33.37 -0.12
CA LYS A 532 -1.54 34.58 -0.92
C LYS A 532 -2.98 34.91 -1.28
N GLN A 533 -3.22 36.19 -1.53
CA GLN A 533 -4.53 36.61 -2.02
C GLN A 533 -4.39 37.16 -3.45
PA FAD B . -5.69 3.79 -4.48
O1A FAD B . -6.66 2.84 -3.87
O2A FAD B . -4.45 3.25 -5.16
O5B FAD B . -6.48 4.71 -5.49
C5B FAD B . -5.79 5.50 -6.47
C4B FAD B . -6.73 5.66 -7.65
O4B FAD B . -6.27 6.76 -8.47
C3B FAD B . -6.84 4.44 -8.57
O3B FAD B . -8.18 3.96 -8.64
C2B FAD B . -6.41 4.96 -9.94
O2B FAD B . -7.17 4.40 -11.01
C1B FAD B . -6.64 6.47 -9.80
N9A FAD B . -5.83 7.25 -10.72
C8A FAD B . -4.47 7.33 -10.77
N7A FAD B . -4.01 8.08 -11.75
C5A FAD B . -5.16 8.52 -12.39
C6A FAD B . -5.37 9.34 -13.51
N6A FAD B . -4.38 9.91 -14.20
N1A FAD B . -6.64 9.58 -13.88
C2A FAD B . -7.64 9.01 -13.20
N3A FAD B . -7.56 8.21 -12.13
C4A FAD B . -6.29 7.99 -11.78
N1 FAD B . -2.68 -0.74 3.25
C2 FAD B . -2.90 -0.90 4.58
O2 FAD B . -2.76 0.02 5.39
N3 FAD B . -3.32 -2.14 5.06
C4 FAD B . -3.52 -3.26 4.30
O4 FAD B . -3.91 -4.29 4.83
C4X FAD B . -3.27 -3.07 2.88
N5 FAD B . -3.44 -4.09 2.09
C5X FAD B . -3.20 -3.90 0.75
C6 FAD B . -3.36 -4.99 -0.12
C7 FAD B . -3.13 -4.85 -1.48
C7M FAD B . -3.33 -6.04 -2.39
C8 FAD B . -2.71 -3.62 -1.99
C8M FAD B . -2.43 -3.45 -3.46
C9 FAD B . -2.53 -2.54 -1.14
C9A FAD B . -2.78 -2.67 0.23
N10 FAD B . -2.61 -1.59 1.12
C10 FAD B . -2.84 -1.76 2.46
C1' FAD B . -2.19 -0.26 0.64
C2' FAD B . -3.30 0.49 -0.11
O2' FAD B . -2.71 1.22 -1.19
C3' FAD B . -4.02 1.47 0.83
O3' FAD B . -4.50 0.81 2.00
C4' FAD B . -5.21 2.20 0.21
O4' FAD B . -6.08 1.28 -0.43
C5' FAD B . -4.79 3.28 -0.77
O5' FAD B . -5.95 4.06 -1.14
P FAD B . -5.81 5.36 -2.03
O1P FAD B . -7.22 5.88 -2.35
O2P FAD B . -4.82 6.21 -1.35
O3P FAD B . -5.17 4.81 -3.38
#